data_4P08
#
_entry.id   4P08
#
_cell.length_a   106.647
_cell.length_b   106.647
_cell.length_c   220.532
_cell.angle_alpha   90.000
_cell.angle_beta   90.000
_cell.angle_gamma   120.000
#
_symmetry.space_group_name_H-M   'P 65 2 2'
#
loop_
_entity.id
_entity.type
_entity.pdbx_description
1 polymer 'Cocaine esterase'
2 water water
#
_entity_poly.entity_id   1
_entity_poly.type   'polypeptide(L)'
_entity_poly.pdbx_seq_one_letter_code
;GNYSVASNVMVPMRDGVRLAVDLYRPDADGPVPVLLVRNPYDKFDVFAWSTQSTNWLEFVRDGYAVVIQDTRGLFASEGE
FVPHVDDEADAEDTLSWILEQAWCDGNVGMFGVSYLGVTQWQAAVSGVGGLKAIAPSMASADLYRAPWYGPGGALSVEAL
LGWSALIGRQLITSRSDARPEDAADFVQLAAICNDVAGAASVTPLAEQPLLGRLIPWVIDQVVDHPDNDESWQSISLFER
LGGLATPALITAGWYDGFVGESLRTFVAVKDNADARLVVGPWSHSNLTGRNADRKFGCAATYPIQEATTMHKAFFDRHLR
GETDALAGVPKVRLFVMGIDEWRDETDWPLPDTAYTPFYLGGSGAANTSTGGGTLSTSISGTESADTYLYDPADPVPSLG
GTLLFHNGDNGPADQRPIHDRDDVLCYSTEVLTDPVEVTGTVSARLFVSSSAVDTDFTAKLVDVFPDGRAIALCDGIVRM
RYRETLVNPTLIEAGEIYEVAIDMLATSNVFLPGHRIMVQVSSSNFPKYDRNSNTGGVIAREQLEEMCTAVNRIHRGPEH
PSHIVLPIIKR
;
_entity_poly.pdbx_strand_id   A
#
# COMPACT_ATOMS: atom_id res chain seq x y z
N GLY A 1 12.80 -5.35 -34.59
CA GLY A 1 13.73 -5.60 -33.50
C GLY A 1 14.64 -4.40 -33.24
N ASN A 2 14.69 -3.48 -34.19
CA ASN A 2 15.59 -2.32 -34.08
C ASN A 2 14.87 -1.05 -33.64
N TYR A 3 15.58 -0.19 -32.93
CA TYR A 3 15.00 1.06 -32.46
C TYR A 3 16.05 2.13 -32.18
N SER A 4 15.58 3.34 -31.85
CA SER A 4 16.45 4.45 -31.52
C SER A 4 15.95 5.14 -30.26
N VAL A 5 16.86 5.84 -29.57
CA VAL A 5 16.51 6.52 -28.33
C VAL A 5 16.90 8.00 -28.42
N ALA A 6 15.94 8.88 -28.19
CA ALA A 6 16.20 10.31 -28.19
C ALA A 6 16.04 10.84 -26.77
N SER A 7 17.02 11.60 -26.28
CA SER A 7 17.04 12.02 -24.89
C SER A 7 16.69 13.49 -24.68
N ASN A 8 16.01 13.78 -23.58
CA ASN A 8 15.70 15.15 -23.18
C ASN A 8 14.92 15.96 -24.22
N VAL A 9 13.95 15.30 -24.85
CA VAL A 9 12.96 16.00 -25.67
C VAL A 9 12.02 16.75 -24.74
N MET A 10 11.97 18.08 -24.88
CA MET A 10 11.19 18.90 -23.96
C MET A 10 9.75 19.04 -24.41
N VAL A 11 8.82 18.68 -23.52
CA VAL A 11 7.39 18.74 -23.81
C VAL A 11 6.74 19.84 -22.98
N PRO A 12 6.13 20.83 -23.65
CA PRO A 12 5.53 21.99 -22.97
C PRO A 12 4.16 21.68 -22.36
N MET A 13 3.98 22.03 -21.09
CA MET A 13 2.69 21.89 -20.43
C MET A 13 1.83 23.14 -20.69
N ARG A 14 0.60 23.14 -20.16
CA ARG A 14 -0.33 24.24 -20.40
C ARG A 14 0.18 25.58 -19.84
N ASP A 15 1.01 25.51 -18.79
CA ASP A 15 1.51 26.72 -18.14
C ASP A 15 2.84 27.21 -18.71
N GLY A 16 3.37 26.50 -19.71
CA GLY A 16 4.62 26.89 -20.33
C GLY A 16 5.82 26.11 -19.83
N VAL A 17 5.70 25.53 -18.64
CA VAL A 17 6.78 24.71 -18.07
C VAL A 17 6.97 23.46 -18.93
N ARG A 18 8.24 23.12 -19.21
CA ARG A 18 8.53 21.98 -20.06
C ARG A 18 9.05 20.79 -19.27
N LEU A 19 8.42 19.63 -19.47
CA LEU A 19 8.91 18.39 -18.87
C LEU A 19 9.81 17.66 -19.86
N ALA A 20 10.81 16.96 -19.35
CA ALA A 20 11.75 16.24 -20.20
C ALA A 20 11.31 14.79 -20.39
N VAL A 21 11.43 14.29 -21.61
CA VAL A 21 11.16 12.88 -21.90
C VAL A 21 12.28 12.22 -22.71
N ASP A 22 12.35 10.90 -22.65
CA ASP A 22 13.17 10.12 -23.57
C ASP A 22 12.25 9.31 -24.49
N LEU A 23 12.59 9.24 -25.77
CA LEU A 23 11.76 8.54 -26.74
C LEU A 23 12.44 7.27 -27.24
N TYR A 24 11.86 6.12 -26.92
CA TYR A 24 12.32 4.86 -27.45
C TYR A 24 11.39 4.49 -28.59
N ARG A 25 11.86 4.66 -29.82
CA ARG A 25 11.01 4.48 -30.99
C ARG A 25 11.53 3.41 -31.93
N PRO A 26 10.66 2.46 -32.32
CA PRO A 26 11.06 1.38 -33.23
C PRO A 26 11.34 1.89 -34.64
N ASP A 27 12.16 1.16 -35.40
CA ASP A 27 12.35 1.48 -36.81
C ASP A 27 11.06 1.15 -37.55
N ALA A 28 10.22 2.15 -37.80
CA ALA A 28 8.92 1.90 -38.40
C ALA A 28 8.65 2.75 -39.63
N ASP A 29 7.81 2.23 -40.51
CA ASP A 29 7.38 2.95 -41.69
C ASP A 29 6.50 4.13 -41.28
N GLY A 30 5.43 3.83 -40.54
CA GLY A 30 4.50 4.85 -40.11
C GLY A 30 4.43 5.02 -38.61
N PRO A 31 3.28 5.52 -38.12
CA PRO A 31 3.04 5.75 -36.69
C PRO A 31 2.87 4.42 -35.95
N VAL A 32 3.17 4.42 -34.65
CA VAL A 32 3.14 3.20 -33.84
C VAL A 32 2.33 3.44 -32.57
N PRO A 33 1.87 2.35 -31.93
CA PRO A 33 1.26 2.51 -30.59
C PRO A 33 2.32 2.93 -29.56
N VAL A 34 1.92 3.72 -28.57
CA VAL A 34 2.89 4.34 -27.66
C VAL A 34 2.60 4.01 -26.19
N LEU A 35 3.66 3.76 -25.42
CA LEU A 35 3.53 3.52 -23.99
C LEU A 35 4.21 4.62 -23.18
N LEU A 36 3.52 5.14 -22.16
CA LEU A 36 4.03 6.27 -21.39
C LEU A 36 4.30 5.89 -19.94
N VAL A 37 5.47 6.28 -19.44
CA VAL A 37 5.83 6.09 -18.04
C VAL A 37 6.20 7.43 -17.42
N ARG A 38 5.51 7.82 -16.34
CA ARG A 38 5.81 9.07 -15.65
C ARG A 38 6.56 8.82 -14.35
N ASN A 39 7.80 9.31 -14.27
CA ASN A 39 8.76 8.87 -13.26
C ASN A 39 9.41 10.03 -12.52
N PRO A 40 9.37 10.00 -11.17
CA PRO A 40 10.04 11.06 -10.40
C PRO A 40 11.48 10.72 -10.01
N TYR A 41 11.96 9.52 -10.36
CA TYR A 41 13.30 9.11 -9.93
C TYR A 41 14.29 9.00 -11.10
N ASP A 42 14.24 9.98 -12.01
CA ASP A 42 15.11 10.07 -13.19
C ASP A 42 14.76 9.08 -14.30
N LYS A 43 14.25 9.59 -15.41
CA LYS A 43 13.90 8.77 -16.56
C LYS A 43 15.10 8.02 -17.13
N PHE A 44 16.30 8.55 -16.89
CA PHE A 44 17.54 7.92 -17.34
C PHE A 44 17.81 6.61 -16.60
N ASP A 45 17.50 6.62 -15.31
CA ASP A 45 17.77 5.47 -14.44
C ASP A 45 16.69 4.40 -14.60
N VAL A 46 16.74 3.66 -15.71
CA VAL A 46 15.72 2.67 -16.01
C VAL A 46 15.89 1.38 -15.20
N PHE A 47 17.12 1.08 -14.82
CA PHE A 47 17.41 -0.18 -14.14
C PHE A 47 16.85 -0.23 -12.73
N ALA A 48 16.71 0.94 -12.10
CA ALA A 48 16.29 1.02 -10.70
C ALA A 48 14.88 0.50 -10.45
N TRP A 49 13.98 0.73 -11.40
CA TRP A 49 12.56 0.39 -11.21
C TRP A 49 12.10 -0.77 -12.10
N SER A 50 12.72 -0.92 -13.26
CA SER A 50 12.26 -1.90 -14.26
C SER A 50 12.24 -3.35 -13.77
N THR A 51 13.17 -3.72 -12.90
CA THR A 51 13.21 -5.09 -12.36
C THR A 51 11.98 -5.40 -11.51
N GLN A 52 11.29 -4.35 -11.05
CA GLN A 52 10.06 -4.54 -10.31
C GLN A 52 8.84 -4.43 -11.22
N SER A 53 9.09 -4.35 -12.53
CA SER A 53 8.02 -4.09 -13.49
C SER A 53 7.99 -5.12 -14.63
N THR A 54 8.66 -4.79 -15.72
CA THR A 54 8.62 -5.59 -16.94
C THR A 54 9.93 -5.45 -17.70
N ASN A 55 10.23 -6.43 -18.56
CA ASN A 55 11.30 -6.28 -19.54
C ASN A 55 10.81 -5.46 -20.75
N TRP A 56 10.47 -4.20 -20.51
CA TRP A 56 9.72 -3.39 -21.48
C TRP A 56 10.43 -3.07 -22.81
N LEU A 57 11.74 -3.29 -22.88
CA LEU A 57 12.46 -3.14 -24.15
C LEU A 57 11.91 -4.13 -25.18
N GLU A 58 11.31 -5.20 -24.69
CA GLU A 58 10.64 -6.18 -25.53
C GLU A 58 9.47 -5.55 -26.27
N PHE A 59 8.80 -4.58 -25.63
CA PHE A 59 7.70 -3.85 -26.26
C PHE A 59 8.21 -3.07 -27.45
N VAL A 60 9.39 -2.47 -27.30
CA VAL A 60 9.97 -1.64 -28.33
C VAL A 60 10.45 -2.48 -29.52
N ARG A 61 11.05 -3.63 -29.23
CA ARG A 61 11.45 -4.58 -30.27
C ARG A 61 10.23 -5.13 -31.02
N ASP A 62 9.08 -5.11 -30.38
CA ASP A 62 7.85 -5.65 -30.96
C ASP A 62 7.02 -4.55 -31.62
N GLY A 63 7.56 -3.34 -31.67
CA GLY A 63 6.93 -2.26 -32.41
C GLY A 63 6.22 -1.18 -31.61
N TYR A 64 6.30 -1.25 -30.29
CA TYR A 64 5.73 -0.17 -29.47
C TYR A 64 6.76 0.93 -29.30
N ALA A 65 6.29 2.17 -29.22
CA ALA A 65 7.16 3.25 -28.76
C ALA A 65 6.98 3.40 -27.25
N VAL A 66 8.06 3.67 -26.54
CA VAL A 66 7.99 3.91 -25.10
C VAL A 66 8.49 5.33 -24.79
N VAL A 67 7.73 6.06 -24.00
CA VAL A 67 8.09 7.42 -23.60
C VAL A 67 8.25 7.46 -22.09
N ILE A 68 9.44 7.83 -21.61
CA ILE A 68 9.67 7.94 -20.17
C ILE A 68 9.93 9.39 -19.80
N GLN A 69 9.17 9.90 -18.83
CA GLN A 69 9.16 11.33 -18.52
C GLN A 69 9.62 11.64 -17.10
N ASP A 70 10.50 12.63 -16.94
CA ASP A 70 10.78 13.19 -15.62
C ASP A 70 9.55 14.02 -15.23
N THR A 71 8.98 13.76 -14.05
CA THR A 71 7.87 14.58 -13.57
C THR A 71 8.34 16.00 -13.28
N ARG A 72 7.39 16.91 -13.09
CA ARG A 72 7.68 18.34 -12.95
C ARG A 72 8.65 18.70 -11.82
N GLY A 73 9.69 19.48 -12.14
CA GLY A 73 10.61 19.99 -11.14
C GLY A 73 11.69 19.02 -10.70
N LEU A 74 11.79 17.89 -11.38
CA LEU A 74 12.77 16.87 -11.03
C LEU A 74 13.67 16.54 -12.20
N PHE A 75 14.97 16.44 -11.91
CA PHE A 75 15.99 16.10 -12.91
C PHE A 75 15.99 17.04 -14.12
N ALA A 76 15.80 16.50 -15.32
CA ALA A 76 15.88 17.34 -16.53
C ALA A 76 14.63 18.17 -16.80
N SER A 77 13.61 18.01 -15.96
CA SER A 77 12.37 18.75 -16.14
C SER A 77 12.41 20.12 -15.46
N GLU A 78 11.75 21.09 -16.08
CA GLU A 78 11.63 22.43 -15.51
C GLU A 78 10.55 22.43 -14.43
N GLY A 79 10.36 23.56 -13.76
CA GLY A 79 9.28 23.71 -12.80
C GLY A 79 9.66 23.44 -11.36
N GLU A 80 8.64 23.34 -10.51
CA GLU A 80 8.85 23.07 -9.10
C GLU A 80 8.17 21.76 -8.72
N PHE A 81 8.84 20.94 -7.91
CA PHE A 81 8.28 19.65 -7.53
C PHE A 81 7.45 19.69 -6.25
N VAL A 82 6.19 19.29 -6.36
CA VAL A 82 5.35 18.99 -5.22
C VAL A 82 4.63 17.70 -5.55
N PRO A 83 4.69 16.70 -4.65
CA PRO A 83 4.08 15.39 -4.90
C PRO A 83 2.60 15.48 -5.27
N HIS A 84 2.21 14.68 -6.26
CA HIS A 84 0.79 14.46 -6.59
C HIS A 84 0.04 15.60 -7.29
N VAL A 85 0.23 16.83 -6.84
CA VAL A 85 -0.67 17.93 -7.22
C VAL A 85 -0.65 18.38 -8.69
N ASP A 86 0.48 18.17 -9.37
CA ASP A 86 0.60 18.61 -10.76
C ASP A 86 0.44 17.47 -11.76
N ASP A 87 0.28 16.25 -11.25
CA ASP A 87 0.38 15.06 -12.09
C ASP A 87 -0.81 14.77 -13.00
N GLU A 88 -2.01 15.15 -12.57
CA GLU A 88 -3.19 15.05 -13.43
C GLU A 88 -3.05 15.92 -14.69
N ALA A 89 -2.82 17.21 -14.47
CA ALA A 89 -2.67 18.16 -15.58
C ALA A 89 -1.47 17.81 -16.46
N ASP A 90 -0.33 17.50 -15.83
CA ASP A 90 0.88 17.18 -16.60
C ASP A 90 0.73 15.93 -17.45
N ALA A 91 0.07 14.91 -16.90
CA ALA A 91 -0.18 13.68 -17.66
C ALA A 91 -1.10 13.95 -18.84
N GLU A 92 -2.16 14.74 -18.62
CA GLU A 92 -3.11 15.06 -19.67
C GLU A 92 -2.41 15.79 -20.81
N ASP A 93 -1.64 16.83 -20.49
CA ASP A 93 -0.93 17.57 -21.51
C ASP A 93 0.09 16.69 -22.25
N THR A 94 0.68 15.74 -21.51
CA THR A 94 1.69 14.85 -22.09
C THR A 94 1.06 13.86 -23.08
N LEU A 95 -0.07 13.28 -22.69
CA LEU A 95 -0.82 12.40 -23.58
C LEU A 95 -1.22 13.15 -24.85
N SER A 96 -1.77 14.36 -24.68
CA SER A 96 -2.13 15.22 -25.81
C SER A 96 -0.94 15.42 -26.75
N TRP A 97 0.21 15.77 -26.19
CA TRP A 97 1.43 15.96 -26.96
C TRP A 97 1.80 14.72 -27.76
N ILE A 98 1.77 13.56 -27.08
CA ILE A 98 2.11 12.30 -27.72
C ILE A 98 1.19 12.02 -28.90
N LEU A 99 -0.11 12.24 -28.69
CA LEU A 99 -1.13 12.00 -29.71
C LEU A 99 -1.00 12.94 -30.92
N GLU A 100 -0.23 14.01 -30.77
CA GLU A 100 0.01 14.96 -31.85
C GLU A 100 1.28 14.65 -32.65
N GLN A 101 2.14 13.77 -32.13
CA GLN A 101 3.38 13.45 -32.82
C GLN A 101 3.16 12.55 -34.04
N ALA A 102 4.05 12.66 -35.02
CA ALA A 102 3.92 11.92 -36.27
C ALA A 102 4.09 10.41 -36.09
N TRP A 103 4.79 10.03 -35.02
CA TRP A 103 5.08 8.62 -34.78
C TRP A 103 4.04 7.90 -33.91
N CYS A 104 3.01 8.63 -33.49
CA CYS A 104 1.95 8.02 -32.70
C CYS A 104 0.75 7.66 -33.56
N ASP A 105 0.32 6.39 -33.49
CA ASP A 105 -0.81 5.94 -34.29
C ASP A 105 -2.17 6.22 -33.65
N GLY A 106 -2.15 6.96 -32.54
CA GLY A 106 -3.39 7.33 -31.86
C GLY A 106 -3.77 6.41 -30.72
N ASN A 107 -2.93 5.41 -30.45
CA ASN A 107 -3.15 4.49 -29.33
C ASN A 107 -2.06 4.64 -28.26
N VAL A 108 -2.46 4.98 -27.04
CA VAL A 108 -1.52 5.19 -25.96
C VAL A 108 -1.88 4.34 -24.74
N GLY A 109 -0.86 3.80 -24.08
CA GLY A 109 -1.03 3.01 -22.87
C GLY A 109 -0.02 3.47 -21.83
N MET A 110 -0.12 2.96 -20.61
CA MET A 110 0.88 3.24 -19.59
C MET A 110 1.20 1.99 -18.76
N PHE A 111 2.36 2.02 -18.11
CA PHE A 111 2.74 0.97 -17.18
C PHE A 111 3.78 1.55 -16.23
N GLY A 112 3.96 0.90 -15.09
CA GLY A 112 4.88 1.40 -14.07
C GLY A 112 4.47 0.96 -12.69
N VAL A 113 5.38 1.11 -11.75
CA VAL A 113 5.18 0.63 -10.38
C VAL A 113 5.18 1.78 -9.35
N SER A 114 4.31 1.68 -8.35
CA SER A 114 4.29 2.64 -7.23
C SER A 114 3.88 4.05 -7.63
N TYR A 115 4.79 5.01 -7.50
CA TYR A 115 4.53 6.38 -7.96
C TYR A 115 4.31 6.36 -9.47
N LEU A 116 4.99 5.44 -10.15
CA LEU A 116 4.81 5.25 -11.59
C LEU A 116 3.48 4.55 -11.87
N GLY A 117 2.83 4.07 -10.80
CA GLY A 117 1.51 3.45 -10.91
C GLY A 117 0.43 4.47 -10.61
N VAL A 118 0.61 5.19 -9.51
CA VAL A 118 -0.30 6.26 -9.12
C VAL A 118 -0.51 7.24 -10.28
N THR A 119 0.59 7.61 -10.94
CA THR A 119 0.54 8.58 -12.02
C THR A 119 -0.34 8.14 -13.18
N GLN A 120 -0.58 6.83 -13.30
CA GLN A 120 -1.44 6.29 -14.35
C GLN A 120 -2.92 6.53 -14.03
N TRP A 121 -3.29 6.41 -12.76
CA TRP A 121 -4.65 6.73 -12.36
C TRP A 121 -4.89 8.24 -12.52
N GLN A 122 -3.85 9.02 -12.23
CA GLN A 122 -3.94 10.47 -12.38
C GLN A 122 -4.08 10.85 -13.85
N ALA A 123 -3.54 10.01 -14.73
CA ALA A 123 -3.67 10.23 -16.17
C ALA A 123 -5.04 9.78 -16.68
N ALA A 124 -5.51 8.66 -16.15
CA ALA A 124 -6.73 8.03 -16.66
C ALA A 124 -7.98 8.88 -16.47
N VAL A 125 -8.03 9.66 -15.40
CA VAL A 125 -9.22 10.45 -15.07
C VAL A 125 -9.40 11.69 -15.95
N SER A 126 -8.45 11.94 -16.84
CA SER A 126 -8.52 13.12 -17.70
C SER A 126 -9.43 12.88 -18.89
N GLY A 127 -9.78 11.62 -19.13
CA GLY A 127 -10.71 11.26 -20.19
C GLY A 127 -10.20 11.38 -21.62
N VAL A 128 -8.88 11.50 -21.77
CA VAL A 128 -8.26 11.57 -23.09
C VAL A 128 -8.50 10.29 -23.90
N GLY A 129 -9.13 10.44 -25.06
CA GLY A 129 -9.54 9.31 -25.88
C GLY A 129 -8.46 8.35 -26.30
N GLY A 130 -7.28 8.88 -26.66
CA GLY A 130 -6.18 8.06 -27.13
C GLY A 130 -5.63 7.08 -26.10
N LEU A 131 -5.89 7.36 -24.82
CA LEU A 131 -5.45 6.48 -23.75
C LEU A 131 -6.35 5.24 -23.71
N LYS A 132 -5.80 4.09 -24.11
CA LYS A 132 -6.58 2.88 -24.31
C LYS A 132 -6.45 1.87 -23.18
N ALA A 133 -5.38 1.98 -22.40
CA ALA A 133 -5.12 1.02 -21.32
C ALA A 133 -4.05 1.54 -20.38
N ILE A 134 -4.12 1.14 -19.12
CA ILE A 134 -3.07 1.42 -18.16
C ILE A 134 -2.70 0.15 -17.42
N ALA A 135 -1.53 0.12 -16.80
CA ALA A 135 -1.07 -1.03 -16.04
C ALA A 135 -0.41 -0.58 -14.75
N PRO A 136 -1.24 -0.18 -13.77
CA PRO A 136 -0.67 0.37 -12.55
C PRO A 136 -0.33 -0.72 -11.55
N SER A 137 0.95 -0.81 -11.23
CA SER A 137 1.45 -1.83 -10.31
C SER A 137 1.76 -1.26 -8.93
N MET A 138 1.26 -1.93 -7.89
CA MET A 138 1.42 -1.46 -6.51
C MET A 138 1.13 0.02 -6.36
N ALA A 139 -0.06 0.41 -6.78
CA ALA A 139 -0.46 1.81 -6.84
C ALA A 139 -1.71 2.01 -6.00
N SER A 140 -2.17 3.26 -5.97
CA SER A 140 -3.31 3.64 -5.18
C SER A 140 -4.05 4.74 -5.93
N ALA A 141 -5.37 4.82 -5.77
CA ALA A 141 -6.15 5.90 -6.35
C ALA A 141 -6.61 6.87 -5.26
N ASP A 142 -6.19 6.61 -4.03
CA ASP A 142 -6.55 7.45 -2.89
C ASP A 142 -5.31 7.61 -2.02
N LEU A 143 -4.61 8.73 -2.19
CA LEU A 143 -3.31 8.92 -1.55
C LEU A 143 -3.40 8.95 -0.04
N TYR A 144 -4.56 9.35 0.49
CA TYR A 144 -4.77 9.30 1.94
C TYR A 144 -4.77 7.85 2.42
N ARG A 145 -5.60 7.02 1.80
CA ARG A 145 -5.73 5.63 2.22
C ARG A 145 -4.46 4.80 1.98
N ALA A 146 -3.67 5.21 0.99
CA ALA A 146 -2.33 4.67 0.76
C ALA A 146 -1.52 5.59 -0.15
N PRO A 147 -0.27 5.92 0.25
CA PRO A 147 0.40 5.29 1.38
C PRO A 147 0.53 6.19 2.61
N TRP A 148 0.02 7.41 2.54
CA TRP A 148 0.33 8.38 3.60
C TRP A 148 -0.40 8.19 4.93
N TYR A 149 -1.68 7.86 4.87
CA TYR A 149 -2.42 7.52 6.08
C TYR A 149 -2.94 6.09 6.05
N GLY A 150 -4.25 5.92 5.90
CA GLY A 150 -4.85 4.61 5.84
C GLY A 150 -6.32 4.70 6.16
N PRO A 151 -7.06 3.61 5.91
CA PRO A 151 -8.51 3.55 6.15
C PRO A 151 -8.84 3.69 7.63
N GLY A 152 -7.85 3.46 8.50
CA GLY A 152 -8.07 3.56 9.94
C GLY A 152 -7.83 4.95 10.50
N GLY A 153 -7.32 5.85 9.67
CA GLY A 153 -7.10 7.23 10.08
C GLY A 153 -5.86 7.46 10.93
N ALA A 154 -4.86 6.60 10.76
CA ALA A 154 -3.57 6.82 11.41
C ALA A 154 -2.52 7.22 10.37
N LEU A 155 -1.52 7.98 10.81
CA LEU A 155 -0.44 8.43 9.92
C LEU A 155 0.59 7.31 9.68
N SER A 156 0.91 7.04 8.42
CA SER A 156 1.95 6.07 8.09
C SER A 156 3.31 6.73 8.19
N VAL A 157 3.77 6.94 9.42
CA VAL A 157 4.91 7.82 9.66
C VAL A 157 6.22 7.31 9.05
N GLU A 158 6.47 6.00 9.10
CA GLU A 158 7.70 5.46 8.50
C GLU A 158 7.66 5.58 6.98
N ALA A 159 6.48 5.45 6.40
CA ALA A 159 6.31 5.67 4.97
C ALA A 159 6.66 7.12 4.60
N LEU A 160 6.10 8.06 5.37
CA LEU A 160 6.29 9.47 5.10
C LEU A 160 7.74 9.94 5.25
N LEU A 161 8.38 9.59 6.35
CA LEU A 161 9.74 10.06 6.59
C LEU A 161 10.75 9.34 5.69
N GLY A 162 10.54 8.05 5.47
CA GLY A 162 11.41 7.28 4.62
C GLY A 162 11.41 7.79 3.19
N TRP A 163 10.22 8.00 2.63
CA TRP A 163 10.09 8.52 1.28
C TRP A 163 10.62 9.94 1.14
N SER A 164 10.18 10.82 2.02
CA SER A 164 10.62 12.22 2.01
C SER A 164 12.13 12.33 2.01
N ALA A 165 12.78 11.48 2.80
CA ALA A 165 14.23 11.50 2.90
C ALA A 165 14.83 10.98 1.61
N LEU A 166 14.18 10.00 0.99
CA LEU A 166 14.61 9.50 -0.32
C LEU A 166 14.55 10.62 -1.36
N ILE A 167 13.49 11.42 -1.30
CA ILE A 167 13.36 12.54 -2.21
C ILE A 167 14.39 13.64 -1.88
N GLY A 168 14.61 13.88 -0.58
CA GLY A 168 15.60 14.85 -0.16
C GLY A 168 17.00 14.50 -0.67
N ARG A 169 17.40 13.25 -0.47
CA ARG A 169 18.70 12.78 -0.94
C ARG A 169 18.80 12.92 -2.45
N GLN A 170 17.68 12.67 -3.12
CA GLN A 170 17.59 12.75 -4.57
C GLN A 170 17.78 14.18 -5.07
N LEU A 171 17.18 15.14 -4.36
CA LEU A 171 17.29 16.55 -4.74
C LEU A 171 18.71 17.06 -4.62
N ILE A 172 19.39 16.66 -3.54
CA ILE A 172 20.78 17.06 -3.30
C ILE A 172 21.74 16.43 -4.30
N THR A 173 21.60 15.12 -4.52
CA THR A 173 22.46 14.38 -5.44
C THR A 173 22.30 14.85 -6.89
N SER A 174 21.14 15.38 -7.24
CA SER A 174 20.86 15.78 -8.61
C SER A 174 21.20 17.23 -8.91
N ARG A 175 21.58 17.99 -7.88
CA ARG A 175 21.85 19.43 -8.05
C ARG A 175 23.03 19.70 -8.97
N SER A 176 22.84 20.68 -9.86
CA SER A 176 23.87 21.09 -10.81
C SER A 176 25.14 21.52 -10.08
N ASP A 177 25.04 22.65 -9.38
CA ASP A 177 26.13 23.11 -8.53
C ASP A 177 25.76 22.86 -7.08
N ALA A 178 26.57 22.05 -6.40
CA ALA A 178 26.30 21.69 -5.01
C ALA A 178 26.36 22.90 -4.09
N ARG A 179 25.34 23.06 -3.25
CA ARG A 179 25.34 24.08 -2.22
C ARG A 179 26.29 23.63 -1.12
N PRO A 180 26.81 24.58 -0.33
CA PRO A 180 27.78 24.20 0.71
C PRO A 180 27.16 23.36 1.82
N GLU A 181 25.90 23.67 2.17
CA GLU A 181 25.21 22.98 3.25
C GLU A 181 24.63 21.62 2.85
N ASP A 182 24.92 21.21 1.62
CA ASP A 182 24.46 19.92 1.10
C ASP A 182 24.93 18.76 1.96
N ALA A 183 26.24 18.69 2.18
CA ALA A 183 26.85 17.58 2.93
C ALA A 183 26.24 17.39 4.32
N ALA A 184 26.00 18.49 5.03
CA ALA A 184 25.37 18.43 6.33
C ALA A 184 23.94 17.89 6.24
N ASP A 185 23.18 18.43 5.27
CA ASP A 185 21.83 17.97 5.00
C ASP A 185 21.81 16.47 4.68
N PHE A 186 22.83 16.02 3.95
CA PHE A 186 22.92 14.62 3.54
C PHE A 186 23.07 13.68 4.73
N VAL A 187 24.05 13.96 5.60
CA VAL A 187 24.28 13.13 6.79
C VAL A 187 22.99 12.92 7.59
N GLN A 188 22.21 13.97 7.75
CA GLN A 188 20.92 13.85 8.41
C GLN A 188 19.97 12.91 7.65
N LEU A 189 20.03 12.97 6.32
CA LEU A 189 19.19 12.15 5.46
C LEU A 189 19.60 10.68 5.50
N ALA A 190 20.91 10.43 5.56
CA ALA A 190 21.41 9.07 5.64
C ALA A 190 21.09 8.48 7.01
N ALA A 191 21.11 9.32 8.04
CA ALA A 191 20.74 8.89 9.38
C ALA A 191 19.29 8.44 9.44
N ILE A 192 18.42 9.15 8.73
CA ILE A 192 17.01 8.76 8.63
C ILE A 192 16.90 7.42 7.91
N CYS A 193 17.68 7.25 6.85
CA CYS A 193 17.69 6.01 6.09
C CYS A 193 18.02 4.80 6.98
N ASN A 194 19.03 4.93 7.83
CA ASN A 194 19.48 3.85 8.70
C ASN A 194 18.61 3.66 9.94
N ASP A 195 17.83 4.67 10.29
CA ASP A 195 17.00 4.60 11.49
C ASP A 195 15.75 5.45 11.34
N VAL A 196 14.77 4.93 10.60
CA VAL A 196 13.52 5.61 10.34
C VAL A 196 12.65 5.68 11.59
N ALA A 197 12.69 4.63 12.40
CA ALA A 197 11.92 4.62 13.65
C ALA A 197 12.39 5.73 14.59
N GLY A 198 13.70 5.98 14.60
CA GLY A 198 14.28 7.06 15.39
C GLY A 198 13.74 8.43 14.98
N ALA A 199 13.76 8.72 13.68
CA ALA A 199 13.23 9.99 13.19
C ALA A 199 11.73 10.11 13.48
N ALA A 200 11.01 8.99 13.36
CA ALA A 200 9.58 8.99 13.65
C ALA A 200 9.31 9.12 15.13
N SER A 201 10.33 8.85 15.95
CA SER A 201 10.19 8.88 17.40
C SER A 201 10.18 10.29 18.00
N VAL A 202 10.67 11.28 17.27
CA VAL A 202 10.74 12.64 17.82
C VAL A 202 9.36 13.25 18.08
N THR A 203 9.29 14.05 19.13
CA THR A 203 8.09 14.81 19.46
C THR A 203 8.47 16.28 19.65
N PRO A 204 7.65 17.20 19.11
CA PRO A 204 6.47 16.92 18.30
C PRO A 204 6.86 16.41 16.91
N LEU A 205 6.01 15.55 16.34
CA LEU A 205 6.30 14.94 15.06
C LEU A 205 6.39 15.99 13.97
N ALA A 206 5.53 16.99 14.06
CA ALA A 206 5.44 18.03 13.03
C ALA A 206 6.66 18.93 12.96
N GLU A 207 7.59 18.77 13.89
CA GLU A 207 8.80 19.58 13.90
C GLU A 207 9.91 18.88 13.14
N GLN A 208 9.97 19.12 11.83
CA GLN A 208 10.99 18.51 10.98
C GLN A 208 11.80 19.59 10.29
N PRO A 209 12.76 20.18 11.02
CA PRO A 209 13.57 21.29 10.49
C PRO A 209 14.32 20.90 9.22
N LEU A 210 14.65 19.62 9.08
CA LEU A 210 15.31 19.12 7.87
C LEU A 210 14.33 18.89 6.72
N LEU A 211 13.50 17.85 6.87
CA LEU A 211 12.59 17.42 5.81
C LEU A 211 11.58 18.51 5.45
N GLY A 212 11.12 19.25 6.45
CA GLY A 212 10.18 20.33 6.24
C GLY A 212 10.77 21.49 5.46
N ARG A 213 12.10 21.55 5.45
CA ARG A 213 12.81 22.57 4.67
C ARG A 213 13.12 22.09 3.25
N LEU A 214 13.65 20.87 3.15
CA LEU A 214 13.96 20.26 1.85
C LEU A 214 12.67 20.01 1.06
N ILE A 215 11.62 19.62 1.77
CA ILE A 215 10.34 19.33 1.13
C ILE A 215 9.17 19.62 2.07
N PRO A 216 8.72 20.90 2.10
CA PRO A 216 7.69 21.48 2.97
C PRO A 216 6.35 20.75 2.92
N TRP A 217 6.08 20.11 1.80
CA TRP A 217 4.88 19.31 1.60
C TRP A 217 4.70 18.27 2.70
N VAL A 218 5.81 17.78 3.25
CA VAL A 218 5.78 16.76 4.31
C VAL A 218 4.97 17.21 5.53
N ILE A 219 4.98 18.52 5.79
CA ILE A 219 4.27 19.09 6.93
C ILE A 219 3.01 19.80 6.44
N ASP A 220 3.19 20.72 5.50
CA ASP A 220 2.10 21.54 4.98
C ASP A 220 0.92 20.69 4.48
N GLN A 221 1.22 19.60 3.78
CA GLN A 221 0.16 18.71 3.31
C GLN A 221 -0.13 17.53 4.24
N VAL A 222 0.89 16.71 4.50
CA VAL A 222 0.65 15.41 5.12
C VAL A 222 0.45 15.47 6.63
N VAL A 223 1.45 15.95 7.36
CA VAL A 223 1.38 15.99 8.82
C VAL A 223 0.26 16.92 9.33
N ASP A 224 0.06 18.05 8.66
CA ASP A 224 -0.94 19.02 9.10
C ASP A 224 -2.38 18.66 8.73
N HIS A 225 -2.57 17.63 7.90
CA HIS A 225 -3.93 17.21 7.53
C HIS A 225 -4.24 15.76 7.89
N PRO A 226 -4.44 15.49 9.20
CA PRO A 226 -4.68 14.12 9.66
C PRO A 226 -6.09 13.65 9.28
N ASP A 227 -7.01 14.60 9.08
CA ASP A 227 -8.35 14.29 8.61
C ASP A 227 -8.34 14.12 7.08
N ASN A 228 -9.15 13.19 6.58
CA ASN A 228 -9.31 13.05 5.14
C ASN A 228 -10.13 14.22 4.57
N ASP A 229 -9.54 15.42 4.58
CA ASP A 229 -10.26 16.64 4.19
C ASP A 229 -10.13 17.02 2.70
N GLU A 230 -10.51 18.25 2.38
CA GLU A 230 -10.51 18.74 1.00
C GLU A 230 -9.14 18.67 0.32
N SER A 231 -8.07 18.90 1.09
CA SER A 231 -6.72 18.82 0.56
C SER A 231 -6.43 17.43 0.02
N TRP A 232 -7.01 16.41 0.66
CA TRP A 232 -6.80 15.03 0.24
C TRP A 232 -7.75 14.63 -0.89
N GLN A 233 -9.02 15.00 -0.78
CA GLN A 233 -10.00 14.67 -1.82
C GLN A 233 -9.61 15.33 -3.14
N SER A 234 -8.95 16.49 -3.04
CA SER A 234 -8.48 17.21 -4.21
C SER A 234 -7.56 16.35 -5.10
N ILE A 235 -6.77 15.47 -4.48
CA ILE A 235 -5.87 14.60 -5.23
C ILE A 235 -6.34 13.14 -5.33
N SER A 236 -7.49 12.85 -4.75
CA SER A 236 -8.03 11.49 -4.81
C SER A 236 -8.69 11.21 -6.15
N LEU A 237 -8.39 10.04 -6.72
CA LEU A 237 -8.93 9.65 -8.02
C LEU A 237 -10.09 8.67 -7.89
N PHE A 238 -10.19 8.03 -6.73
CA PHE A 238 -11.03 6.84 -6.56
C PHE A 238 -12.50 7.01 -6.95
N GLU A 239 -13.11 8.12 -6.57
CA GLU A 239 -14.52 8.34 -6.87
C GLU A 239 -14.80 8.49 -8.37
N ARG A 240 -13.78 8.92 -9.12
CA ARG A 240 -13.91 9.08 -10.57
C ARG A 240 -13.61 7.78 -11.34
N LEU A 241 -13.12 6.76 -10.65
CA LEU A 241 -12.74 5.51 -11.30
C LEU A 241 -13.97 4.76 -11.86
N GLY A 242 -15.12 4.93 -11.20
CA GLY A 242 -16.33 4.27 -11.64
C GLY A 242 -16.86 4.79 -12.96
N GLY A 243 -16.57 6.05 -13.25
CA GLY A 243 -17.02 6.67 -14.48
C GLY A 243 -16.14 6.36 -15.68
N LEU A 244 -15.01 5.69 -15.41
CA LEU A 244 -14.04 5.37 -16.45
C LEU A 244 -14.39 4.09 -17.19
N ALA A 245 -13.90 3.95 -18.41
CA ALA A 245 -14.02 2.71 -19.17
C ALA A 245 -12.67 2.32 -19.73
N THR A 246 -11.64 2.48 -18.90
CA THR A 246 -10.28 2.18 -19.31
C THR A 246 -9.78 0.87 -18.70
N PRO A 247 -9.44 -0.10 -19.56
CA PRO A 247 -8.85 -1.38 -19.13
C PRO A 247 -7.62 -1.15 -18.26
N ALA A 248 -7.48 -1.93 -17.19
CA ALA A 248 -6.34 -1.79 -16.28
C ALA A 248 -5.75 -3.14 -15.88
N LEU A 249 -4.45 -3.29 -16.08
CA LEU A 249 -3.74 -4.49 -15.65
C LEU A 249 -3.12 -4.16 -14.29
N ILE A 250 -3.77 -4.60 -13.23
CA ILE A 250 -3.42 -4.18 -11.88
C ILE A 250 -2.59 -5.23 -11.13
N THR A 251 -1.43 -4.82 -10.63
CA THR A 251 -0.53 -5.72 -9.90
C THR A 251 -0.40 -5.24 -8.45
N ALA A 252 -0.44 -6.18 -7.50
CA ALA A 252 -0.31 -5.85 -6.08
C ALA A 252 0.53 -6.91 -5.37
N GLY A 253 0.89 -6.64 -4.13
CA GLY A 253 1.63 -7.60 -3.32
C GLY A 253 0.99 -7.73 -1.94
N TRP A 254 0.92 -8.94 -1.40
CA TRP A 254 0.22 -9.12 -0.12
C TRP A 254 0.84 -8.29 1.01
N TYR A 255 2.14 -8.05 0.91
CA TYR A 255 2.85 -7.29 1.94
C TYR A 255 3.28 -5.90 1.46
N ASP A 256 2.67 -5.43 0.38
CA ASP A 256 3.00 -4.12 -0.18
C ASP A 256 2.10 -3.03 0.44
N GLY A 257 2.70 -1.88 0.75
CA GLY A 257 1.97 -0.80 1.40
C GLY A 257 0.70 -0.35 0.68
N PHE A 258 0.66 -0.57 -0.63
CA PHE A 258 -0.46 -0.13 -1.45
C PHE A 258 -1.56 -1.17 -1.62
N VAL A 259 -1.35 -2.35 -1.05
CA VAL A 259 -2.19 -3.52 -1.38
C VAL A 259 -3.70 -3.28 -1.24
N GLY A 260 -4.10 -2.67 -0.13
CA GLY A 260 -5.50 -2.36 0.10
C GLY A 260 -6.08 -1.55 -1.03
N GLU A 261 -5.39 -0.49 -1.41
CA GLU A 261 -5.89 0.41 -2.44
C GLU A 261 -5.73 -0.15 -3.85
N SER A 262 -4.69 -0.94 -4.08
CA SER A 262 -4.51 -1.59 -5.37
C SER A 262 -5.71 -2.49 -5.66
N LEU A 263 -6.05 -3.33 -4.69
CA LEU A 263 -7.19 -4.23 -4.84
C LEU A 263 -8.49 -3.47 -5.04
N ARG A 264 -8.65 -2.35 -4.35
CA ARG A 264 -9.88 -1.57 -4.45
C ARG A 264 -10.01 -0.93 -5.83
N THR A 265 -8.89 -0.57 -6.45
CA THR A 265 -8.96 -0.05 -7.81
C THR A 265 -9.55 -1.09 -8.76
N PHE A 266 -9.10 -2.34 -8.63
CA PHE A 266 -9.64 -3.44 -9.43
C PHE A 266 -11.14 -3.58 -9.27
N VAL A 267 -11.60 -3.57 -8.02
CA VAL A 267 -13.02 -3.70 -7.76
C VAL A 267 -13.80 -2.53 -8.40
N ALA A 268 -13.17 -1.36 -8.43
CA ALA A 268 -13.85 -0.16 -8.93
C ALA A 268 -13.91 -0.05 -10.45
N VAL A 269 -13.04 -0.76 -11.18
CA VAL A 269 -13.02 -0.66 -12.63
C VAL A 269 -13.44 -1.92 -13.39
N LYS A 270 -13.58 -3.04 -12.66
CA LYS A 270 -13.82 -4.34 -13.29
C LYS A 270 -15.14 -4.44 -14.06
N ASP A 271 -16.12 -3.63 -13.68
CA ASP A 271 -17.45 -3.74 -14.28
C ASP A 271 -17.62 -2.89 -15.55
N ASN A 272 -16.65 -2.02 -15.83
CA ASN A 272 -16.77 -1.09 -16.94
C ASN A 272 -15.74 -1.31 -18.03
N ALA A 273 -14.69 -2.05 -17.72
CA ALA A 273 -13.70 -2.38 -18.75
C ALA A 273 -12.96 -3.64 -18.37
N ASP A 274 -12.14 -4.12 -19.29
CA ASP A 274 -11.32 -5.30 -19.06
C ASP A 274 -10.27 -5.02 -17.99
N ALA A 275 -10.53 -5.46 -16.75
CA ALA A 275 -9.53 -5.35 -15.70
C ALA A 275 -8.87 -6.70 -15.45
N ARG A 276 -7.59 -6.66 -15.11
CA ARG A 276 -6.85 -7.87 -14.76
C ARG A 276 -6.18 -7.66 -13.40
N LEU A 277 -6.04 -8.73 -12.64
CA LEU A 277 -5.43 -8.64 -11.31
C LEU A 277 -4.34 -9.69 -11.14
N VAL A 278 -3.20 -9.26 -10.63
CA VAL A 278 -2.12 -10.16 -10.30
C VAL A 278 -1.62 -9.79 -8.91
N VAL A 279 -1.66 -10.74 -7.98
CA VAL A 279 -1.20 -10.45 -6.63
C VAL A 279 -0.19 -11.50 -6.18
N GLY A 280 1.01 -11.04 -5.84
CA GLY A 280 2.06 -11.91 -5.34
C GLY A 280 2.35 -11.66 -3.87
N PRO A 281 3.19 -12.49 -3.25
CA PRO A 281 3.46 -12.40 -1.81
C PRO A 281 4.57 -11.41 -1.47
N TRP A 282 4.65 -10.30 -2.19
CA TRP A 282 5.78 -9.39 -2.07
C TRP A 282 5.53 -8.18 -1.16
N SER A 283 6.62 -7.59 -0.66
CA SER A 283 6.56 -6.26 -0.07
C SER A 283 7.20 -5.28 -1.05
N HIS A 284 7.21 -3.99 -0.72
CA HIS A 284 7.68 -2.98 -1.65
C HIS A 284 9.14 -3.15 -2.04
N SER A 285 9.98 -3.48 -1.05
CA SER A 285 11.42 -3.54 -1.28
C SER A 285 11.94 -4.98 -1.42
N ASN A 286 11.04 -5.96 -1.32
CA ASN A 286 11.44 -7.37 -1.46
C ASN A 286 10.47 -8.16 -2.33
N LEU A 287 10.89 -8.46 -3.55
CA LEU A 287 10.07 -9.22 -4.48
C LEU A 287 10.72 -10.57 -4.80
N THR A 288 11.63 -11.01 -3.92
CA THR A 288 12.35 -12.27 -4.11
C THR A 288 11.52 -13.49 -3.72
N GLY A 289 10.56 -13.30 -2.82
CA GLY A 289 9.81 -14.43 -2.27
C GLY A 289 10.57 -15.11 -1.14
N ARG A 290 11.74 -14.56 -0.80
CA ARG A 290 12.53 -15.05 0.34
C ARG A 290 12.51 -14.04 1.48
N ASN A 291 12.16 -14.48 2.69
CA ASN A 291 12.21 -13.60 3.86
C ASN A 291 12.94 -14.29 5.03
N ALA A 292 13.30 -13.52 6.06
CA ALA A 292 14.10 -14.05 7.17
C ALA A 292 13.59 -15.38 7.74
N ASP A 293 12.29 -15.49 7.95
CA ASP A 293 11.71 -16.70 8.55
C ASP A 293 10.60 -17.33 7.70
N ARG A 294 10.53 -16.95 6.43
CA ARG A 294 9.46 -17.44 5.56
C ARG A 294 9.91 -17.44 4.10
N LYS A 295 9.89 -18.62 3.49
CA LYS A 295 10.29 -18.80 2.10
C LYS A 295 9.05 -19.23 1.33
N PHE A 296 8.74 -18.52 0.25
CA PHE A 296 7.55 -18.82 -0.53
C PHE A 296 7.83 -19.71 -1.74
N GLY A 297 9.11 -19.98 -1.99
CA GLY A 297 9.51 -20.82 -3.10
C GLY A 297 9.93 -20.05 -4.34
N CYS A 298 10.77 -20.66 -5.17
CA CYS A 298 11.29 -19.98 -6.36
C CYS A 298 10.20 -19.45 -7.29
N ALA A 299 9.05 -20.12 -7.34
CA ALA A 299 7.97 -19.67 -8.22
C ALA A 299 7.33 -18.36 -7.75
N ALA A 300 7.66 -17.94 -6.53
CA ALA A 300 7.07 -16.73 -5.95
C ALA A 300 7.89 -15.46 -6.24
N THR A 301 9.14 -15.66 -6.68
CA THR A 301 9.98 -14.56 -7.14
C THR A 301 9.19 -13.82 -8.21
N TYR A 302 9.18 -12.49 -8.15
CA TYR A 302 8.46 -11.68 -9.14
C TYR A 302 8.75 -12.18 -10.55
N PRO A 303 7.72 -12.72 -11.22
CA PRO A 303 7.92 -13.41 -12.49
C PRO A 303 7.99 -12.40 -13.63
N ILE A 304 9.13 -11.73 -13.75
CA ILE A 304 9.23 -10.58 -14.65
C ILE A 304 8.96 -10.89 -16.12
N GLN A 305 9.39 -12.05 -16.61
CA GLN A 305 9.14 -12.39 -18.01
C GLN A 305 7.67 -12.74 -18.26
N GLU A 306 7.03 -13.41 -17.31
CA GLU A 306 5.61 -13.71 -17.42
C GLU A 306 4.78 -12.43 -17.37
N ALA A 307 5.21 -11.46 -16.55
CA ALA A 307 4.57 -10.16 -16.49
C ALA A 307 4.71 -9.42 -17.82
N THR A 308 5.92 -9.45 -18.38
CA THR A 308 6.19 -8.84 -19.69
C THR A 308 5.28 -9.44 -20.77
N THR A 309 5.15 -10.76 -20.75
CA THR A 309 4.28 -11.43 -21.71
C THR A 309 2.82 -10.99 -21.53
N MET A 310 2.37 -10.92 -20.28
CA MET A 310 0.99 -10.54 -20.01
C MET A 310 0.71 -9.07 -20.37
N HIS A 311 1.63 -8.18 -20.00
CA HIS A 311 1.48 -6.77 -20.36
C HIS A 311 1.36 -6.62 -21.87
N LYS A 312 2.21 -7.34 -22.60
CA LYS A 312 2.23 -7.24 -24.05
C LYS A 312 0.93 -7.76 -24.66
N ALA A 313 0.45 -8.89 -24.15
CA ALA A 313 -0.84 -9.40 -24.60
C ALA A 313 -1.94 -8.37 -24.30
N PHE A 314 -1.85 -7.75 -23.13
CA PHE A 314 -2.84 -6.75 -22.70
C PHE A 314 -2.86 -5.55 -23.65
N PHE A 315 -1.67 -5.05 -23.95
CA PHE A 315 -1.54 -3.91 -24.86
C PHE A 315 -1.89 -4.26 -26.31
N ASP A 316 -1.54 -5.46 -26.76
CA ASP A 316 -1.90 -5.91 -28.11
C ASP A 316 -3.43 -5.94 -28.29
N ARG A 317 -4.12 -6.32 -27.23
CA ARG A 317 -5.59 -6.37 -27.25
C ARG A 317 -6.20 -4.97 -27.35
N HIS A 318 -5.70 -4.05 -26.54
CA HIS A 318 -6.37 -2.76 -26.34
C HIS A 318 -5.80 -1.59 -27.11
N LEU A 319 -4.53 -1.69 -27.51
CA LEU A 319 -3.88 -0.64 -28.30
C LEU A 319 -3.72 -1.04 -29.76
N ARG A 320 -3.81 -2.33 -30.05
CA ARG A 320 -3.62 -2.82 -31.41
C ARG A 320 -4.82 -3.62 -31.93
N GLY A 321 -5.90 -3.69 -31.16
CA GLY A 321 -7.11 -4.36 -31.58
C GLY A 321 -7.00 -5.85 -31.82
N GLU A 322 -5.92 -6.47 -31.36
CA GLU A 322 -5.77 -7.92 -31.46
C GLU A 322 -6.80 -8.60 -30.57
N THR A 323 -7.97 -8.88 -31.14
CA THR A 323 -9.13 -9.38 -30.40
C THR A 323 -8.89 -10.65 -29.59
N ASP A 324 -7.95 -11.48 -30.03
CA ASP A 324 -7.70 -12.76 -29.37
C ASP A 324 -6.43 -12.78 -28.51
N ALA A 325 -5.76 -11.65 -28.38
CA ALA A 325 -4.47 -11.58 -27.69
C ALA A 325 -4.51 -12.09 -26.23
N LEU A 326 -5.61 -11.84 -25.54
CA LEU A 326 -5.74 -12.24 -24.15
C LEU A 326 -6.44 -13.59 -23.95
N ALA A 327 -6.51 -14.38 -25.02
CA ALA A 327 -7.06 -15.73 -24.91
C ALA A 327 -6.22 -16.56 -23.95
N GLY A 328 -6.88 -17.27 -23.04
CA GLY A 328 -6.19 -18.12 -22.09
C GLY A 328 -5.62 -17.40 -20.89
N VAL A 329 -5.65 -16.06 -20.91
CA VAL A 329 -5.15 -15.26 -19.79
C VAL A 329 -6.23 -15.05 -18.76
N PRO A 330 -5.99 -15.50 -17.50
CA PRO A 330 -7.01 -15.42 -16.44
C PRO A 330 -7.33 -13.97 -16.06
N LYS A 331 -8.51 -13.74 -15.50
CA LYS A 331 -8.88 -12.39 -15.07
C LYS A 331 -8.08 -12.03 -13.82
N VAL A 332 -8.02 -12.97 -12.89
CA VAL A 332 -7.34 -12.79 -11.62
C VAL A 332 -6.33 -13.91 -11.43
N ARG A 333 -5.11 -13.55 -11.06
CA ARG A 333 -4.09 -14.54 -10.73
C ARG A 333 -3.49 -14.20 -9.36
N LEU A 334 -3.68 -15.10 -8.39
CA LEU A 334 -3.20 -14.87 -7.03
C LEU A 334 -2.12 -15.86 -6.63
N PHE A 335 -1.12 -15.39 -5.88
CA PHE A 335 -0.24 -16.32 -5.19
C PHE A 335 -0.87 -16.66 -3.83
N VAL A 336 -1.33 -17.90 -3.70
CA VAL A 336 -2.03 -18.33 -2.49
C VAL A 336 -1.01 -18.89 -1.51
N MET A 337 -0.79 -18.16 -0.42
CA MET A 337 0.21 -18.56 0.57
C MET A 337 -0.28 -19.77 1.35
N GLY A 338 0.64 -20.42 2.08
CA GLY A 338 0.32 -21.67 2.75
C GLY A 338 0.62 -22.83 1.83
N ILE A 339 -0.26 -23.06 0.85
CA ILE A 339 0.05 -24.01 -0.19
C ILE A 339 1.17 -23.46 -1.07
N ASP A 340 1.36 -22.14 -1.01
CA ASP A 340 2.42 -21.45 -1.75
C ASP A 340 2.40 -21.76 -3.24
N GLU A 341 1.25 -21.53 -3.87
CA GLU A 341 1.08 -21.78 -5.30
C GLU A 341 0.36 -20.63 -5.97
N TRP A 342 0.74 -20.33 -7.20
CA TRP A 342 -0.05 -19.43 -8.02
C TRP A 342 -1.38 -20.12 -8.37
N ARG A 343 -2.46 -19.34 -8.42
CA ARG A 343 -3.77 -19.90 -8.76
C ARG A 343 -4.62 -18.87 -9.50
N ASP A 344 -5.31 -19.32 -10.54
CA ASP A 344 -6.17 -18.46 -11.34
C ASP A 344 -7.59 -18.42 -10.77
N GLU A 345 -8.18 -17.23 -10.78
CA GLU A 345 -9.54 -17.01 -10.31
C GLU A 345 -10.33 -16.23 -11.35
N THR A 346 -11.66 -16.23 -11.24
CA THR A 346 -12.49 -15.53 -12.22
C THR A 346 -12.91 -14.15 -11.75
N ASP A 347 -12.61 -13.83 -10.48
CA ASP A 347 -13.01 -12.55 -9.90
C ASP A 347 -12.29 -12.21 -8.60
N TRP A 348 -12.19 -10.91 -8.30
CA TRP A 348 -11.83 -10.43 -6.97
C TRP A 348 -12.88 -9.44 -6.47
N PRO A 349 -13.48 -9.69 -5.30
CA PRO A 349 -13.33 -10.86 -4.41
C PRO A 349 -13.71 -12.16 -5.09
N LEU A 350 -13.24 -13.28 -4.55
CA LEU A 350 -13.56 -14.58 -5.13
C LEU A 350 -15.05 -14.83 -5.01
N PRO A 351 -15.64 -15.44 -6.06
CA PRO A 351 -17.04 -15.89 -5.95
C PRO A 351 -17.09 -16.96 -4.88
N ASP A 352 -18.23 -17.14 -4.24
CA ASP A 352 -18.35 -18.11 -3.16
C ASP A 352 -17.39 -17.84 -2.00
N THR A 353 -17.10 -16.57 -1.74
CA THR A 353 -16.43 -16.17 -0.51
C THR A 353 -17.43 -16.20 0.64
N ALA A 354 -17.14 -16.96 1.70
CA ALA A 354 -18.03 -16.98 2.85
C ALA A 354 -17.47 -16.09 3.95
N TYR A 355 -17.99 -14.88 4.05
CA TYR A 355 -17.51 -13.95 5.08
C TYR A 355 -17.91 -14.45 6.47
N THR A 356 -16.95 -15.09 7.14
CA THR A 356 -17.25 -15.87 8.34
C THR A 356 -16.70 -15.24 9.62
N PRO A 357 -17.57 -15.04 10.62
CA PRO A 357 -17.14 -14.52 11.92
C PRO A 357 -16.34 -15.54 12.74
N PHE A 358 -15.16 -15.16 13.21
CA PHE A 358 -14.43 -15.95 14.20
C PHE A 358 -14.38 -15.15 15.50
N TYR A 359 -15.09 -15.64 16.51
CA TYR A 359 -15.28 -14.91 17.76
C TYR A 359 -14.12 -15.01 18.75
N LEU A 360 -13.83 -13.89 19.40
CA LEU A 360 -12.84 -13.85 20.47
C LEU A 360 -13.44 -14.48 21.72
N GLY A 361 -12.62 -15.15 22.51
CA GLY A 361 -13.09 -15.78 23.73
C GLY A 361 -11.95 -16.42 24.51
N GLY A 362 -12.32 -17.31 25.43
CA GLY A 362 -11.35 -18.02 26.25
C GLY A 362 -11.50 -17.67 27.72
N SER A 363 -11.07 -18.58 28.59
CA SER A 363 -11.08 -18.33 30.02
C SER A 363 -9.78 -17.64 30.46
N GLY A 364 -9.87 -16.79 31.46
CA GLY A 364 -8.71 -16.04 31.92
C GLY A 364 -8.36 -14.88 31.01
N ALA A 365 -7.19 -14.30 31.23
CA ALA A 365 -6.74 -13.16 30.45
C ALA A 365 -6.09 -13.58 29.13
N ALA A 366 -6.40 -12.84 28.06
CA ALA A 366 -5.85 -13.13 26.74
C ALA A 366 -4.52 -12.42 26.50
N ASN A 367 -4.03 -11.70 27.50
CA ASN A 367 -2.73 -11.02 27.43
C ASN A 367 -1.59 -12.00 27.14
N THR A 368 -0.71 -11.61 26.22
CA THR A 368 0.42 -12.44 25.76
C THR A 368 -0.01 -13.73 25.02
N SER A 369 0.96 -14.38 24.40
CA SER A 369 0.73 -15.60 23.63
C SER A 369 0.45 -16.81 24.52
N THR A 370 0.84 -16.74 25.78
CA THR A 370 0.59 -17.83 26.73
C THR A 370 -0.68 -17.60 27.55
N GLY A 371 -1.44 -16.57 27.20
CA GLY A 371 -2.75 -16.34 27.81
C GLY A 371 -3.76 -17.36 27.34
N GLY A 372 -5.03 -17.14 27.64
CA GLY A 372 -6.04 -18.11 27.29
C GLY A 372 -6.97 -17.72 26.14
N GLY A 373 -6.59 -16.69 25.38
CA GLY A 373 -7.42 -16.22 24.29
C GLY A 373 -7.69 -17.27 23.22
N THR A 374 -8.95 -17.39 22.81
CA THR A 374 -9.34 -18.34 21.77
C THR A 374 -10.06 -17.68 20.60
N LEU A 375 -10.01 -18.33 19.44
CA LEU A 375 -10.85 -17.99 18.31
C LEU A 375 -11.77 -19.17 18.02
N SER A 376 -13.04 -18.88 17.73
CA SER A 376 -14.02 -19.93 17.46
C SER A 376 -15.12 -19.41 16.55
N THR A 377 -15.70 -20.30 15.74
CA THR A 377 -16.83 -19.93 14.89
C THR A 377 -18.14 -19.83 15.68
N SER A 378 -18.10 -20.26 16.94
CA SER A 378 -19.24 -20.10 17.85
C SER A 378 -19.04 -18.88 18.72
N ILE A 379 -20.14 -18.21 19.06
CA ILE A 379 -20.11 -17.07 19.96
C ILE A 379 -19.63 -17.52 21.35
N SER A 380 -18.71 -16.75 21.94
CA SER A 380 -18.21 -17.04 23.28
C SER A 380 -19.36 -16.98 24.27
N GLY A 381 -19.53 -18.04 25.06
CA GLY A 381 -20.66 -18.13 25.97
C GLY A 381 -20.57 -17.25 27.21
N THR A 382 -19.38 -16.79 27.53
CA THR A 382 -19.16 -16.05 28.77
C THR A 382 -18.73 -14.60 28.55
N GLU A 383 -19.42 -13.68 29.21
CA GLU A 383 -19.06 -12.26 29.12
C GLU A 383 -17.81 -11.96 29.94
N SER A 384 -16.72 -11.59 29.25
CA SER A 384 -15.48 -11.21 29.91
C SER A 384 -14.90 -9.98 29.25
N ALA A 385 -13.72 -9.59 29.69
CA ALA A 385 -13.01 -8.49 29.06
C ALA A 385 -11.51 -8.63 29.28
N ASP A 386 -10.73 -8.25 28.26
CA ASP A 386 -9.28 -8.23 28.39
C ASP A 386 -8.81 -6.78 28.51
N THR A 387 -7.82 -6.55 29.35
CA THR A 387 -7.44 -5.19 29.72
C THR A 387 -5.93 -5.03 29.69
N TYR A 388 -5.47 -3.92 29.12
CA TYR A 388 -4.04 -3.65 29.09
C TYR A 388 -3.77 -2.15 29.17
N LEU A 389 -2.53 -1.80 29.51
CA LEU A 389 -2.11 -0.42 29.50
C LEU A 389 -1.36 -0.14 28.21
N TYR A 390 -1.82 0.85 27.45
CA TYR A 390 -1.04 1.33 26.31
C TYR A 390 -0.31 2.62 26.68
N ASP A 391 1.01 2.59 26.56
CA ASP A 391 1.84 3.74 26.87
C ASP A 391 2.62 4.15 25.63
N PRO A 392 2.29 5.34 25.08
CA PRO A 392 2.92 5.88 23.87
C PRO A 392 4.45 5.83 23.93
N ALA A 393 5.02 5.93 25.13
CA ALA A 393 6.47 5.89 25.29
C ALA A 393 7.03 4.49 25.03
N ASP A 394 6.15 3.49 25.05
CA ASP A 394 6.52 2.10 24.78
C ASP A 394 5.47 1.43 23.89
N PRO A 395 5.48 1.76 22.59
CA PRO A 395 4.49 1.19 21.65
C PRO A 395 4.89 -0.20 21.18
N VAL A 396 3.93 -0.95 20.65
CA VAL A 396 4.22 -2.26 20.10
C VAL A 396 5.01 -2.08 18.81
N PRO A 397 6.23 -2.66 18.74
CA PRO A 397 7.06 -2.44 17.54
C PRO A 397 6.46 -3.12 16.31
N SER A 398 6.66 -2.50 15.14
CA SER A 398 6.18 -3.09 13.90
C SER A 398 7.05 -4.26 13.48
N LEU A 399 6.43 -5.34 13.03
CA LEU A 399 7.15 -6.51 12.58
C LEU A 399 6.52 -7.02 11.30
N GLY A 400 7.16 -6.72 10.17
CA GLY A 400 6.66 -7.14 8.88
C GLY A 400 5.41 -6.38 8.50
N GLY A 401 4.45 -7.09 7.89
CA GLY A 401 3.26 -6.44 7.38
C GLY A 401 3.60 -5.62 6.16
N THR A 402 2.93 -4.48 6.01
CA THR A 402 3.07 -3.65 4.83
C THR A 402 4.02 -2.47 5.02
N LEU A 403 4.96 -2.63 5.96
CA LEU A 403 6.02 -1.62 6.16
C LEU A 403 6.74 -1.29 4.85
N LEU A 404 7.04 -0.01 4.64
CA LEU A 404 7.68 0.42 3.39
C LEU A 404 9.19 0.63 3.51
N PHE A 405 9.62 1.49 4.43
CA PHE A 405 11.03 1.84 4.54
C PHE A 405 11.69 1.32 5.81
N HIS A 406 10.93 1.28 6.91
CA HIS A 406 11.43 0.70 8.15
C HIS A 406 11.32 -0.82 8.09
N ASN A 407 12.45 -1.49 7.85
CA ASN A 407 12.48 -2.94 7.72
C ASN A 407 11.35 -3.48 6.84
N GLY A 408 11.25 -2.94 5.63
CA GLY A 408 10.18 -3.31 4.71
C GLY A 408 10.50 -4.48 3.81
N ASP A 409 11.49 -5.28 4.19
CA ASP A 409 11.92 -6.42 3.38
C ASP A 409 11.59 -7.76 4.03
N ASN A 410 10.63 -7.75 4.96
CA ASN A 410 10.32 -8.95 5.73
C ASN A 410 8.84 -9.03 6.11
N GLY A 411 7.97 -8.89 5.10
CA GLY A 411 6.52 -8.87 5.31
C GLY A 411 5.98 -9.98 6.21
N PRO A 412 6.19 -11.25 5.82
CA PRO A 412 5.73 -12.36 6.67
C PRO A 412 6.66 -12.53 7.88
N ALA A 413 6.72 -11.51 8.73
CA ALA A 413 7.63 -11.54 9.87
C ALA A 413 7.14 -12.44 11.00
N ASP A 414 8.07 -13.18 11.62
CA ASP A 414 7.73 -13.97 12.80
C ASP A 414 7.42 -13.02 13.96
N GLN A 415 6.27 -13.24 14.58
CA GLN A 415 5.75 -12.32 15.61
C GLN A 415 6.18 -12.67 17.04
N ARG A 416 6.87 -13.78 17.22
CA ARG A 416 7.32 -14.20 18.56
C ARG A 416 8.07 -13.16 19.44
N PRO A 417 8.88 -12.28 18.83
CA PRO A 417 9.52 -11.26 19.68
C PRO A 417 8.57 -10.35 20.47
N ILE A 418 7.33 -10.18 20.02
CA ILE A 418 6.39 -9.33 20.75
C ILE A 418 5.26 -10.11 21.46
N HIS A 419 5.38 -11.44 21.47
CA HIS A 419 4.35 -12.32 22.03
C HIS A 419 4.20 -12.22 23.54
N ASP A 420 5.22 -11.74 24.23
CA ASP A 420 5.21 -11.71 25.69
C ASP A 420 4.83 -10.34 26.27
N ARG A 421 4.44 -9.41 25.40
CA ARG A 421 4.01 -8.08 25.85
C ARG A 421 2.59 -8.13 26.43
N ASP A 422 2.38 -7.44 27.54
CA ASP A 422 1.08 -7.44 28.20
C ASP A 422 0.02 -6.71 27.37
N ASP A 423 0.47 -5.80 26.51
CA ASP A 423 -0.46 -5.04 25.67
C ASP A 423 -0.64 -5.68 24.28
N VAL A 424 -0.20 -6.92 24.16
CA VAL A 424 -0.47 -7.71 22.97
C VAL A 424 -1.38 -8.88 23.35
N LEU A 425 -2.67 -8.74 23.04
CA LEU A 425 -3.64 -9.79 23.35
C LEU A 425 -3.65 -10.81 22.21
N CYS A 426 -3.60 -12.10 22.58
CA CYS A 426 -3.59 -13.17 21.58
C CYS A 426 -4.82 -14.05 21.68
N TYR A 427 -5.42 -14.33 20.53
CA TYR A 427 -6.57 -15.21 20.43
C TYR A 427 -6.28 -16.16 19.28
N SER A 428 -6.39 -17.47 19.51
CA SER A 428 -6.13 -18.41 18.43
C SER A 428 -7.06 -19.63 18.45
N THR A 429 -7.34 -20.17 17.26
CA THR A 429 -8.07 -21.42 17.15
C THR A 429 -7.25 -22.55 17.75
N GLU A 430 -7.89 -23.69 17.94
CA GLU A 430 -7.13 -24.90 18.25
C GLU A 430 -6.33 -25.30 17.01
N VAL A 431 -5.43 -26.28 17.16
CA VAL A 431 -4.68 -26.80 16.03
C VAL A 431 -5.63 -27.36 14.99
N LEU A 432 -5.41 -27.05 13.71
CA LEU A 432 -6.35 -27.45 12.67
C LEU A 432 -6.10 -28.87 12.17
N THR A 433 -7.18 -29.59 11.87
CA THR A 433 -7.09 -30.92 11.27
C THR A 433 -7.45 -30.86 9.78
N ASP A 434 -8.12 -29.79 9.39
CA ASP A 434 -8.50 -29.58 8.00
C ASP A 434 -8.00 -28.20 7.56
N PRO A 435 -7.52 -28.09 6.31
CA PRO A 435 -7.07 -26.78 5.82
C PRO A 435 -8.19 -25.75 5.81
N VAL A 436 -7.86 -24.52 6.19
CA VAL A 436 -8.80 -23.41 6.11
C VAL A 436 -8.23 -22.33 5.20
N GLU A 437 -8.90 -22.06 4.08
CA GLU A 437 -8.40 -21.02 3.18
C GLU A 437 -9.06 -19.67 3.46
N VAL A 438 -8.22 -18.68 3.75
CA VAL A 438 -8.65 -17.30 3.94
C VAL A 438 -8.12 -16.46 2.79
N THR A 439 -8.99 -16.12 1.85
CA THR A 439 -8.59 -15.34 0.68
C THR A 439 -9.62 -14.27 0.32
N GLY A 440 -9.26 -13.02 0.58
CA GLY A 440 -10.15 -11.90 0.34
C GLY A 440 -9.86 -10.76 1.29
N THR A 441 -10.80 -9.80 1.36
CA THR A 441 -10.66 -8.70 2.30
C THR A 441 -10.89 -9.19 3.72
N VAL A 442 -10.12 -8.66 4.66
CA VAL A 442 -10.20 -9.06 6.06
C VAL A 442 -10.49 -7.84 6.92
N SER A 443 -11.39 -7.99 7.89
CA SER A 443 -11.70 -6.92 8.83
C SER A 443 -12.11 -7.48 10.19
N ALA A 444 -12.08 -6.63 11.21
CA ALA A 444 -12.50 -7.05 12.53
C ALA A 444 -13.55 -6.11 13.10
N ARG A 445 -14.48 -6.67 13.86
CA ARG A 445 -15.43 -5.87 14.60
C ARG A 445 -15.15 -6.08 16.08
N LEU A 446 -14.68 -5.05 16.75
CA LEU A 446 -14.31 -5.18 18.15
C LEU A 446 -15.20 -4.33 19.05
N PHE A 447 -15.63 -4.91 20.17
CA PHE A 447 -16.29 -4.13 21.20
C PHE A 447 -15.21 -3.67 22.17
N VAL A 448 -14.97 -2.36 22.16
CA VAL A 448 -13.84 -1.77 22.88
C VAL A 448 -14.27 -0.65 23.80
N SER A 449 -13.38 -0.29 24.72
CA SER A 449 -13.59 0.86 25.60
C SER A 449 -12.23 1.36 26.06
N SER A 450 -12.16 2.64 26.40
CA SER A 450 -10.89 3.24 26.80
C SER A 450 -11.04 4.09 28.05
N SER A 451 -9.91 4.41 28.70
CA SER A 451 -9.93 5.34 29.81
C SER A 451 -9.75 6.73 29.24
N ALA A 452 -9.33 6.79 27.98
CA ALA A 452 -9.04 8.06 27.33
C ALA A 452 -10.15 8.50 26.37
N VAL A 453 -10.03 9.72 25.85
CA VAL A 453 -11.02 10.29 24.95
C VAL A 453 -10.62 10.07 23.49
N ASP A 454 -9.48 9.40 23.31
CA ASP A 454 -9.06 8.89 22.01
C ASP A 454 -7.93 7.90 22.24
N THR A 455 -7.83 6.92 21.36
CA THR A 455 -6.76 5.92 21.40
C THR A 455 -6.85 5.10 20.12
N ASP A 456 -5.93 4.16 19.94
CA ASP A 456 -5.96 3.31 18.75
C ASP A 456 -6.32 1.87 19.10
N PHE A 457 -6.77 1.12 18.11
CA PHE A 457 -6.88 -0.33 18.24
C PHE A 457 -6.37 -0.98 16.99
N THR A 458 -5.55 -2.01 17.16
CA THR A 458 -4.95 -2.73 16.06
C THR A 458 -5.42 -4.17 16.06
N ALA A 459 -5.43 -4.79 14.89
CA ALA A 459 -5.72 -6.22 14.76
C ALA A 459 -4.81 -6.79 13.68
N LYS A 460 -4.17 -7.92 13.97
CA LYS A 460 -3.24 -8.55 13.04
C LYS A 460 -3.59 -10.03 12.93
N LEU A 461 -3.74 -10.51 11.70
CA LEU A 461 -4.01 -11.92 11.45
C LEU A 461 -2.69 -12.67 11.30
N VAL A 462 -2.57 -13.83 11.95
CA VAL A 462 -1.30 -14.54 12.01
C VAL A 462 -1.47 -16.04 11.77
N ASP A 463 -0.54 -16.62 10.99
CA ASP A 463 -0.49 -18.07 10.79
C ASP A 463 0.56 -18.67 11.73
N VAL A 464 0.11 -19.45 12.71
CA VAL A 464 1.04 -20.09 13.64
C VAL A 464 1.48 -21.47 13.12
N PHE A 465 2.77 -21.59 12.80
CA PHE A 465 3.35 -22.83 12.29
C PHE A 465 3.61 -23.85 13.40
N PRO A 466 3.58 -25.15 13.06
CA PRO A 466 3.88 -26.21 14.04
C PRO A 466 5.22 -26.03 14.73
N ASP A 467 6.22 -25.53 14.01
CA ASP A 467 7.55 -25.34 14.59
C ASP A 467 7.65 -24.09 15.49
N GLY A 468 6.54 -23.37 15.67
CA GLY A 468 6.54 -22.23 16.56
C GLY A 468 6.47 -20.86 15.91
N ARG A 469 6.92 -20.76 14.66
CA ARG A 469 6.85 -19.50 13.91
C ARG A 469 5.41 -18.95 13.89
N ALA A 470 5.26 -17.68 14.24
CA ALA A 470 3.96 -17.03 14.17
C ALA A 470 4.00 -15.94 13.11
N ILE A 471 3.66 -16.32 11.88
CA ILE A 471 3.87 -15.47 10.71
C ILE A 471 2.73 -14.47 10.46
N ALA A 472 3.09 -13.19 10.39
CA ALA A 472 2.10 -12.13 10.12
C ALA A 472 1.52 -12.25 8.71
N LEU A 473 0.21 -12.03 8.61
CA LEU A 473 -0.44 -12.03 7.31
C LEU A 473 -0.90 -10.61 6.93
N CYS A 474 -2.00 -10.15 7.52
CA CYS A 474 -2.44 -8.80 7.26
C CYS A 474 -2.82 -8.15 8.58
N ASP A 475 -2.79 -6.82 8.62
CA ASP A 475 -3.10 -6.11 9.84
C ASP A 475 -3.78 -4.81 9.51
N GLY A 476 -4.41 -4.22 10.52
CA GLY A 476 -5.10 -2.95 10.37
C GLY A 476 -5.12 -2.21 11.69
N ILE A 477 -5.62 -0.98 11.65
CA ILE A 477 -5.68 -0.13 12.83
C ILE A 477 -6.95 0.70 12.74
N VAL A 478 -7.48 1.11 13.89
CA VAL A 478 -8.52 2.13 13.91
C VAL A 478 -8.14 3.22 14.91
N ARG A 479 -8.13 4.46 14.45
CA ARG A 479 -7.97 5.60 15.36
C ARG A 479 -9.38 6.01 15.77
N MET A 480 -9.68 5.87 17.06
CA MET A 480 -11.06 5.98 17.57
C MET A 480 -11.82 7.24 17.19
N ARG A 481 -11.14 8.37 17.07
CA ARG A 481 -11.80 9.61 16.64
C ARG A 481 -12.35 9.44 15.23
N TYR A 482 -11.68 8.61 14.42
CA TYR A 482 -12.11 8.36 13.04
C TYR A 482 -12.89 7.04 12.90
N ARG A 483 -13.52 6.58 13.97
CA ARG A 483 -14.17 5.27 13.98
C ARG A 483 -15.40 5.23 13.07
N GLU A 484 -16.02 6.38 12.84
CA GLU A 484 -17.20 6.46 12.00
C GLU A 484 -16.91 7.11 10.65
N THR A 485 -15.98 8.06 10.64
CA THR A 485 -15.64 8.80 9.43
C THR A 485 -14.22 9.36 9.53
N LEU A 486 -13.52 9.36 8.40
CA LEU A 486 -12.16 9.89 8.33
C LEU A 486 -12.22 11.40 8.08
N VAL A 487 -13.43 11.90 7.86
CA VAL A 487 -13.64 13.29 7.49
C VAL A 487 -14.03 14.17 8.69
N ASN A 488 -14.92 13.65 9.53
CA ASN A 488 -15.41 14.42 10.66
C ASN A 488 -15.30 13.72 12.00
N PRO A 489 -14.07 13.66 12.55
CA PRO A 489 -13.78 12.94 13.79
C PRO A 489 -14.51 13.52 15.01
N THR A 490 -15.07 12.64 15.82
CA THR A 490 -15.56 13.03 17.14
C THR A 490 -14.86 12.16 18.18
N LEU A 491 -14.62 12.73 19.36
CA LEU A 491 -13.95 11.99 20.43
C LEU A 491 -14.90 10.98 21.07
N ILE A 492 -14.37 10.19 22.01
CA ILE A 492 -15.16 9.16 22.68
C ILE A 492 -15.22 9.41 24.19
N GLU A 493 -16.26 8.87 24.82
CA GLU A 493 -16.38 8.94 26.28
C GLU A 493 -15.63 7.80 26.95
N ALA A 494 -14.80 8.14 27.93
CA ALA A 494 -14.06 7.15 28.68
C ALA A 494 -15.00 6.16 29.36
N GLY A 495 -14.75 4.87 29.18
CA GLY A 495 -15.53 3.84 29.83
C GLY A 495 -16.68 3.29 28.98
N GLU A 496 -17.06 4.04 27.95
CA GLU A 496 -18.16 3.65 27.08
C GLU A 496 -17.73 2.59 26.07
N ILE A 497 -18.60 1.60 25.84
CA ILE A 497 -18.27 0.50 24.94
C ILE A 497 -18.71 0.79 23.50
N TYR A 498 -17.75 0.75 22.58
CA TYR A 498 -18.02 1.03 21.17
C TYR A 498 -17.80 -0.20 20.29
N GLU A 499 -18.63 -0.35 19.26
CA GLU A 499 -18.36 -1.35 18.25
C GLU A 499 -17.63 -0.68 17.08
N VAL A 500 -16.38 -1.05 16.90
CA VAL A 500 -15.56 -0.42 15.86
C VAL A 500 -15.10 -1.44 14.83
N ALA A 501 -14.96 -0.98 13.59
CA ALA A 501 -14.48 -1.81 12.50
C ALA A 501 -13.01 -1.52 12.25
N ILE A 502 -12.22 -2.57 12.11
CA ILE A 502 -10.81 -2.42 11.78
C ILE A 502 -10.54 -3.05 10.42
N ASP A 503 -10.22 -2.21 9.44
CA ASP A 503 -9.93 -2.67 8.08
C ASP A 503 -8.54 -3.28 8.05
N MET A 504 -8.48 -4.60 7.93
CA MET A 504 -7.19 -5.30 7.89
C MET A 504 -6.74 -5.64 6.47
N LEU A 505 -7.14 -4.82 5.52
CA LEU A 505 -6.73 -4.97 4.12
C LEU A 505 -7.11 -6.35 3.55
N ALA A 506 -6.14 -7.11 3.06
CA ALA A 506 -6.45 -8.41 2.46
C ALA A 506 -5.32 -9.43 2.51
N THR A 507 -5.67 -10.68 2.24
CA THR A 507 -4.67 -11.73 2.15
C THR A 507 -5.16 -12.93 1.32
N SER A 508 -4.25 -13.85 1.06
CA SER A 508 -4.61 -15.16 0.52
C SER A 508 -3.71 -16.20 1.16
N ASN A 509 -4.28 -17.00 2.05
CA ASN A 509 -3.48 -17.97 2.79
C ASN A 509 -4.29 -19.20 3.15
N VAL A 510 -3.71 -20.37 2.89
CA VAL A 510 -4.30 -21.61 3.39
C VAL A 510 -3.65 -21.95 4.72
N PHE A 511 -4.43 -21.95 5.79
CA PHE A 511 -3.95 -22.44 7.07
C PHE A 511 -4.00 -23.96 7.08
N LEU A 512 -2.84 -24.57 6.88
CA LEU A 512 -2.73 -26.02 6.72
C LEU A 512 -3.03 -26.75 8.03
N PRO A 513 -3.37 -28.05 7.95
CA PRO A 513 -3.52 -28.86 9.16
C PRO A 513 -2.26 -28.78 10.02
N GLY A 514 -2.40 -28.70 11.33
CA GLY A 514 -1.25 -28.54 12.21
C GLY A 514 -0.96 -27.10 12.55
N HIS A 515 -1.57 -26.18 11.82
CA HIS A 515 -1.40 -24.74 12.05
C HIS A 515 -2.51 -24.21 12.94
N ARG A 516 -2.34 -22.98 13.43
CA ARG A 516 -3.42 -22.27 14.10
C ARG A 516 -3.67 -20.94 13.41
N ILE A 517 -4.90 -20.46 13.48
CA ILE A 517 -5.22 -19.10 13.08
C ILE A 517 -5.15 -18.24 14.34
N MET A 518 -4.39 -17.15 14.27
CA MET A 518 -4.22 -16.29 15.44
C MET A 518 -4.50 -14.81 15.09
N VAL A 519 -5.15 -14.10 16.00
CA VAL A 519 -5.29 -12.66 15.88
C VAL A 519 -4.63 -11.98 17.06
N GLN A 520 -3.78 -10.98 16.79
CA GLN A 520 -3.23 -10.12 17.83
C GLN A 520 -3.98 -8.79 17.86
N VAL A 521 -4.47 -8.42 19.04
CA VAL A 521 -5.13 -7.13 19.23
C VAL A 521 -4.29 -6.27 20.17
N SER A 522 -4.11 -5.00 19.80
CA SER A 522 -3.35 -4.07 20.64
C SER A 522 -3.82 -2.64 20.41
N SER A 523 -2.98 -1.67 20.77
CA SER A 523 -3.35 -0.27 20.57
C SER A 523 -2.24 0.55 19.94
N SER A 524 -1.23 -0.14 19.41
CA SER A 524 -0.14 0.53 18.71
C SER A 524 0.54 -0.42 17.73
N ASN A 525 1.22 0.16 16.74
CA ASN A 525 1.96 -0.58 15.73
C ASN A 525 2.94 0.39 15.08
N PHE A 526 4.05 0.61 15.78
CA PHE A 526 4.98 1.71 15.49
C PHE A 526 6.32 1.18 14.96
N PRO A 527 6.87 1.81 13.91
CA PRO A 527 6.41 3.04 13.26
C PRO A 527 5.57 2.84 12.01
N LYS A 528 5.00 1.65 11.77
CA LYS A 528 4.06 1.51 10.65
C LYS A 528 3.00 2.60 10.74
N TYR A 529 2.51 2.82 11.95
CA TYR A 529 1.57 3.90 12.22
C TYR A 529 2.11 4.76 13.35
N ASP A 530 1.87 6.07 13.31
CA ASP A 530 2.28 6.92 14.44
C ASP A 530 1.46 6.52 15.66
N ARG A 531 1.95 6.84 16.85
CA ARG A 531 1.27 6.41 18.07
C ARG A 531 0.25 7.43 18.57
N ASN A 532 -0.92 6.94 18.97
CA ASN A 532 -1.96 7.83 19.50
C ASN A 532 -1.57 8.39 20.88
N SER A 533 -1.79 9.69 21.06
CA SER A 533 -1.39 10.38 22.28
C SER A 533 -2.32 10.07 23.46
N ASN A 534 -3.50 9.55 23.16
CA ASN A 534 -4.54 9.30 24.17
C ASN A 534 -5.03 10.57 24.86
N THR A 535 -5.08 11.68 24.11
CA THR A 535 -5.48 12.97 24.67
C THR A 535 -6.65 13.61 23.94
N GLY A 536 -6.78 13.29 22.66
CA GLY A 536 -7.79 13.91 21.83
C GLY A 536 -7.24 15.17 21.20
N GLY A 537 -5.97 15.46 21.47
CA GLY A 537 -5.33 16.64 20.91
C GLY A 537 -4.89 16.43 19.48
N VAL A 538 -4.09 17.36 18.97
CA VAL A 538 -3.49 17.21 17.65
C VAL A 538 -2.21 16.40 17.80
N ILE A 539 -2.32 15.09 17.59
CA ILE A 539 -1.28 14.12 17.91
C ILE A 539 0.13 14.51 17.46
N ALA A 540 0.26 14.91 16.19
CA ALA A 540 1.56 15.23 15.60
C ALA A 540 2.21 16.49 16.16
N ARG A 541 1.48 17.20 17.03
CA ARG A 541 1.97 18.43 17.63
C ARG A 541 2.26 18.27 19.11
N GLU A 542 1.91 17.11 19.67
CA GLU A 542 2.08 16.87 21.11
C GLU A 542 3.49 16.40 21.47
N GLN A 543 4.01 16.93 22.58
CA GLN A 543 5.25 16.41 23.15
C GLN A 543 4.94 15.10 23.86
N LEU A 544 5.88 14.16 23.82
CA LEU A 544 5.68 12.84 24.42
C LEU A 544 5.33 12.96 25.91
N GLU A 545 6.07 13.80 26.61
CA GLU A 545 5.85 14.05 28.03
C GLU A 545 4.40 14.44 28.31
N GLU A 546 3.76 15.07 27.32
CA GLU A 546 2.39 15.56 27.47
C GLU A 546 1.32 14.57 27.03
N MET A 547 1.73 13.41 26.54
CA MET A 547 0.78 12.36 26.16
C MET A 547 0.40 11.57 27.40
N CYS A 548 -0.78 10.96 27.38
CA CYS A 548 -1.23 10.14 28.49
C CYS A 548 -1.18 8.66 28.14
N THR A 549 -1.10 7.82 29.17
CA THR A 549 -1.30 6.38 28.99
C THR A 549 -2.80 6.14 29.03
N ALA A 550 -3.22 5.01 28.47
CA ALA A 550 -4.63 4.64 28.46
C ALA A 550 -4.81 3.21 28.92
N VAL A 551 -5.81 2.98 29.76
CA VAL A 551 -6.19 1.62 30.10
C VAL A 551 -7.26 1.17 29.10
N ASN A 552 -6.87 0.34 28.15
CA ASN A 552 -7.77 -0.10 27.10
C ASN A 552 -8.32 -1.51 27.33
N ARG A 553 -9.51 -1.76 26.77
CA ARG A 553 -10.24 -2.97 27.10
C ARG A 553 -10.95 -3.57 25.89
N ILE A 554 -10.80 -4.87 25.72
CA ILE A 554 -11.51 -5.60 24.67
C ILE A 554 -12.62 -6.41 25.33
N HIS A 555 -13.86 -6.13 24.94
CA HIS A 555 -15.01 -6.85 25.51
C HIS A 555 -15.41 -8.00 24.60
N ARG A 556 -15.74 -9.14 25.20
CA ARG A 556 -16.08 -10.33 24.42
C ARG A 556 -17.07 -11.24 25.14
N GLY A 557 -17.99 -11.83 24.38
CA GLY A 557 -19.05 -12.64 24.95
C GLY A 557 -20.32 -12.51 24.15
N PRO A 558 -21.45 -12.96 24.71
CA PRO A 558 -22.73 -13.00 24.00
C PRO A 558 -23.31 -11.61 23.71
N GLU A 559 -23.05 -10.65 24.59
CA GLU A 559 -23.59 -9.30 24.43
C GLU A 559 -22.64 -8.39 23.68
N HIS A 560 -21.38 -8.80 23.63
CA HIS A 560 -20.34 -8.07 22.89
C HIS A 560 -19.51 -9.05 22.09
N PRO A 561 -20.08 -9.59 21.00
CA PRO A 561 -19.38 -10.64 20.24
C PRO A 561 -18.32 -10.05 19.32
N SER A 562 -17.23 -9.56 19.90
CA SER A 562 -16.08 -9.12 19.12
C SER A 562 -15.61 -10.31 18.28
N HIS A 563 -15.27 -10.04 17.02
CA HIS A 563 -14.88 -11.09 16.10
C HIS A 563 -14.08 -10.55 14.93
N ILE A 564 -13.28 -11.41 14.31
CA ILE A 564 -12.66 -11.09 13.04
C ILE A 564 -13.49 -11.71 11.91
N VAL A 565 -13.69 -10.98 10.82
CA VAL A 565 -14.43 -11.52 9.67
C VAL A 565 -13.45 -12.11 8.66
N LEU A 566 -13.45 -13.44 8.56
CA LEU A 566 -12.53 -14.11 7.64
C LEU A 566 -13.22 -14.53 6.35
N PRO A 567 -12.64 -14.16 5.20
CA PRO A 567 -13.12 -14.61 3.88
C PRO A 567 -12.78 -16.07 3.60
N ILE A 568 -13.60 -16.98 4.12
CA ILE A 568 -13.39 -18.41 3.95
C ILE A 568 -13.69 -18.88 2.52
N ILE A 569 -12.74 -19.62 1.95
CA ILE A 569 -12.92 -20.23 0.64
C ILE A 569 -12.91 -21.74 0.82
N LYS A 570 -13.88 -22.44 0.24
CA LYS A 570 -13.96 -23.89 0.36
C LYS A 570 -14.10 -24.57 -1.00
N ARG A 571 -13.10 -25.36 -1.36
CA ARG A 571 -13.08 -26.04 -2.65
C ARG A 571 -12.82 -27.54 -2.49
#